data_4HXX
#
_entry.id   4HXX
#
_cell.length_a   47.500
_cell.length_b   77.403
_cell.length_c   48.068
_cell.angle_alpha   90.000
_cell.angle_beta   90.920
_cell.angle_gamma   90.000
#
_symmetry.space_group_name_H-M   'P 1 21 1'
#
loop_
_entity.id
_entity.type
_entity.pdbx_description
1 polymer 'Methionine aminopeptidase 1'
2 non-polymer 'COBALT (II) ION'
3 non-polymer 'POTASSIUM ION'
4 non-polymer (1R)-N~2~-[5-chloro-2-(5-chloropyridin-2-yl)-6-methylpyrimidin-4-yl]-1-phenyl-N~1~-(4-phenylbutyl)ethane-1,2-diamine
5 non-polymer 'SULFATE ION'
6 water water
#
_entity_poly.entity_id   1
_entity_poly.type   'polypeptide(L)'
_entity_poly.pdbx_seq_one_letter_code
;YRYTGKLRPHYPLMPTRPVPSYIQRPDYADHPLGMSESEQALKGTSQIKLLSSEDIEGMRLVCRLAREVLDVAAGMIKPG
VTTEEIDHAVHLACIARNCYPSPLNYYNFPKSCCTSVNEVICHGIPDRRPLQEGDIVNVDITLYRNGYHGDLNETFFVGE
VDDGARKLVQTTYECLMQAIDAVKPGVRYRELGNIIQKHAQANGFSVVRSYCGHGIHKLFHTAPNVPHYAKNKAVGVMKS
GHVFTIEPMICEGGWQDETWPDGWTAVTRDGKRSAQFEHTLLVTDTGCEILTRRLDSARPHFMS
;
_entity_poly.pdbx_strand_id   A
#
loop_
_chem_comp.id
_chem_comp.type
_chem_comp.name
_chem_comp.formula
1AY non-polymer (1R)-N~2~-[5-chloro-2-(5-chloropyridin-2-yl)-6-methylpyrimidin-4-yl]-1-phenyl-N~1~-(4-phenylbutyl)ethane-1,2-diamine 'C28 H29 Cl2 N5'
CO non-polymer 'COBALT (II) ION' 'Co 2'
K non-polymer 'POTASSIUM ION' 'K 1'
SO4 non-polymer 'SULFATE ION' 'O4 S -2'
#
# COMPACT_ATOMS: atom_id res chain seq x y z
N TYR A 1 22.85 13.96 5.63
CA TYR A 1 21.81 13.03 6.19
C TYR A 1 22.37 11.86 7.04
N ARG A 2 21.84 11.72 8.26
CA ARG A 2 22.20 10.61 9.15
C ARG A 2 21.13 9.51 9.14
N TYR A 3 21.47 8.36 8.55
CA TYR A 3 20.52 7.26 8.41
C TYR A 3 20.12 6.71 9.77
N THR A 4 18.85 6.33 9.88
CA THR A 4 18.31 5.86 11.16
C THR A 4 18.64 4.39 11.44
N GLY A 5 19.04 3.65 10.40
CA GLY A 5 19.36 2.24 10.55
C GLY A 5 20.51 1.81 9.68
N LYS A 6 20.55 0.52 9.39
CA LYS A 6 21.58 -0.07 8.53
C LYS A 6 21.29 0.07 7.03
N LEU A 7 20.02 0.12 6.63
CA LEU A 7 19.65 0.20 5.19
C LEU A 7 20.19 1.50 4.55
N ARG A 8 20.59 1.43 3.29
CA ARG A 8 21.05 2.60 2.53
C ARG A 8 20.46 2.41 1.14
N PRO A 9 20.24 3.50 0.39
CA PRO A 9 19.85 3.40 -1.03
C PRO A 9 20.99 2.82 -1.88
N HIS A 10 20.65 2.14 -2.97
CA HIS A 10 21.64 1.52 -3.83
C HIS A 10 21.44 2.01 -5.24
N TYR A 11 22.28 2.98 -5.60
CA TYR A 11 22.23 3.68 -6.85
C TYR A 11 23.33 3.17 -7.77
N PRO A 12 23.19 3.42 -9.09
CA PRO A 12 22.17 4.25 -9.71
C PRO A 12 20.87 3.46 -9.97
N LEU A 13 19.77 4.19 -10.13
CA LEU A 13 18.52 3.61 -10.57
C LEU A 13 18.51 3.45 -12.09
N MET A 14 18.00 2.33 -12.60
CA MET A 14 17.89 2.12 -14.06
C MET A 14 16.97 3.19 -14.66
N PRO A 15 17.24 3.58 -15.93
CA PRO A 15 16.37 4.54 -16.59
C PRO A 15 14.90 4.16 -16.35
N THR A 16 14.03 5.14 -16.11
CA THR A 16 12.65 4.81 -15.90
C THR A 16 12.13 3.98 -17.09
N ARG A 17 11.20 3.07 -16.80
CA ARG A 17 10.70 2.12 -17.78
C ARG A 17 9.50 2.75 -18.43
N PRO A 18 9.43 2.69 -19.81
CA PRO A 18 8.25 3.26 -20.48
C PRO A 18 7.06 2.31 -20.41
N VAL A 19 5.88 2.89 -20.50
CA VAL A 19 4.66 2.10 -20.61
C VAL A 19 4.21 2.24 -22.08
N PRO A 20 4.05 1.10 -22.80
CA PRO A 20 3.62 1.19 -24.22
C PRO A 20 2.38 2.03 -24.39
N SER A 21 2.39 2.86 -25.42
CA SER A 21 1.35 3.85 -25.68
C SER A 21 -0.07 3.33 -25.83
N TYR A 22 -0.28 2.02 -26.03
CA TYR A 22 -1.65 1.47 -26.06
C TYR A 22 -2.38 1.36 -24.71
N ILE A 23 -1.61 1.29 -23.63
CA ILE A 23 -2.14 1.27 -22.25
C ILE A 23 -2.60 2.67 -21.86
N GLN A 24 -3.83 2.76 -21.42
CA GLN A 24 -4.46 3.99 -21.01
C GLN A 24 -3.70 4.56 -19.80
N ARG A 25 -3.48 5.87 -19.78
CA ARG A 25 -2.67 6.51 -18.76
C ARG A 25 -3.56 7.32 -17.84
N PRO A 26 -3.18 7.46 -16.55
CA PRO A 26 -3.84 8.46 -15.72
C PRO A 26 -3.32 9.87 -16.05
N ASP A 27 -4.10 10.91 -15.72
CA ASP A 27 -3.73 12.29 -16.09
C ASP A 27 -2.31 12.66 -15.72
N TYR A 28 -1.86 12.25 -14.52
CA TYR A 28 -0.51 12.59 -14.04
C TYR A 28 0.61 11.88 -14.78
N ALA A 29 0.31 10.85 -15.57
CA ALA A 29 1.36 10.06 -16.24
C ALA A 29 2.25 10.96 -17.11
N ASP A 30 1.62 11.98 -17.69
CA ASP A 30 2.28 12.92 -18.60
C ASP A 30 2.49 14.34 -18.08
N HIS A 31 1.94 14.66 -16.92
CA HIS A 31 2.19 15.96 -16.28
C HIS A 31 3.66 15.94 -15.87
N PRO A 32 4.41 17.04 -16.14
CA PRO A 32 5.86 17.08 -15.89
C PRO A 32 6.27 16.90 -14.43
N LEU A 33 5.45 17.37 -13.50
CA LEU A 33 5.76 17.14 -12.08
C LEU A 33 4.92 15.99 -11.52
N GLY A 34 4.20 15.31 -12.40
CA GLY A 34 3.41 14.15 -12.02
C GLY A 34 2.20 14.49 -11.20
N MET A 35 1.70 15.72 -11.37
CA MET A 35 0.54 16.18 -10.61
C MET A 35 -0.75 15.67 -11.23
N SER A 36 -1.73 15.38 -10.40
CA SER A 36 -2.98 14.85 -10.88
C SER A 36 -4.04 15.95 -10.87
N GLU A 37 -4.47 16.39 -12.04
CA GLU A 37 -5.38 17.54 -12.14
C GLU A 37 -6.69 17.17 -11.47
N SER A 38 -7.21 15.97 -11.78
CA SER A 38 -8.45 15.49 -11.18
C SER A 38 -8.40 15.28 -9.65
N GLU A 39 -7.21 15.01 -9.07
CA GLU A 39 -7.11 14.93 -7.61
C GLU A 39 -7.09 16.30 -6.99
N GLN A 40 -6.28 17.19 -7.55
CA GLN A 40 -6.16 18.54 -7.03
C GLN A 40 -7.45 19.35 -7.12
N ALA A 41 -8.29 19.09 -8.12
CA ALA A 41 -9.64 19.69 -8.21
C ALA A 41 -10.49 19.36 -6.99
N LEU A 42 -10.21 18.23 -6.33
CA LEU A 42 -10.98 17.86 -5.13
C LEU A 42 -10.22 17.97 -3.80
N LYS A 43 -9.07 18.66 -3.81
CA LYS A 43 -8.22 18.78 -2.61
C LYS A 43 -8.91 19.55 -1.46
N GLY A 44 -8.76 19.01 -0.25
CA GLY A 44 -9.35 19.61 0.96
C GLY A 44 -10.83 19.31 1.17
N THR A 45 -11.32 18.27 0.48
CA THR A 45 -12.75 17.91 0.45
C THR A 45 -13.02 16.59 1.20
N SER A 46 -14.03 16.62 2.07
CA SER A 46 -14.38 15.49 2.94
C SER A 46 -15.41 14.59 2.28
N GLN A 47 -16.10 15.14 1.28
CA GLN A 47 -17.13 14.42 0.54
C GLN A 47 -16.66 13.13 -0.13
N ILE A 48 -17.31 12.02 0.25
CA ILE A 48 -16.97 10.71 -0.29
C ILE A 48 -17.88 10.32 -1.46
N LYS A 49 -17.28 9.92 -2.58
CA LYS A 49 -18.04 9.46 -3.73
C LYS A 49 -18.80 8.18 -3.39
N LEU A 50 -19.95 8.01 -4.04
CA LEU A 50 -20.77 6.79 -3.96
C LEU A 50 -20.78 6.18 -5.36
N LEU A 51 -20.31 4.95 -5.45
CA LEU A 51 -20.00 4.34 -6.74
C LEU A 51 -21.20 3.75 -7.45
N SER A 52 -21.29 4.00 -8.76
CA SER A 52 -22.32 3.45 -9.62
C SER A 52 -21.99 1.99 -9.92
N SER A 53 -22.90 1.33 -10.62
CA SER A 53 -22.75 -0.09 -10.91
C SER A 53 -21.55 -0.38 -11.79
N GLU A 54 -21.32 0.49 -12.78
CA GLU A 54 -20.16 0.39 -13.67
C GLU A 54 -18.85 0.78 -12.96
N ASP A 55 -18.95 1.63 -11.94
CA ASP A 55 -17.81 2.00 -11.10
C ASP A 55 -17.31 0.76 -10.36
N ILE A 56 -18.25 0.15 -9.63
CA ILE A 56 -18.09 -1.11 -8.93
C ILE A 56 -17.52 -2.23 -9.82
N GLU A 57 -18.08 -2.42 -11.01
CA GLU A 57 -17.50 -3.37 -11.98
C GLU A 57 -16.05 -3.07 -12.37
N GLY A 58 -15.75 -1.80 -12.58
CA GLY A 58 -14.41 -1.35 -12.89
C GLY A 58 -13.49 -1.53 -11.69
N MET A 59 -13.96 -1.16 -10.51
CA MET A 59 -13.19 -1.44 -9.30
C MET A 59 -12.93 -2.95 -9.05
N ARG A 60 -13.93 -3.79 -9.28
CA ARG A 60 -13.73 -5.24 -9.20
C ARG A 60 -12.64 -5.81 -10.10
N LEU A 61 -12.64 -5.34 -11.35
CA LEU A 61 -11.72 -5.85 -12.33
C LEU A 61 -10.27 -5.46 -11.97
N VAL A 62 -10.05 -4.18 -11.72
CA VAL A 62 -8.68 -3.69 -11.47
C VAL A 62 -8.06 -4.20 -10.15
N CYS A 63 -8.88 -4.34 -9.09
CA CYS A 63 -8.36 -4.87 -7.82
C CYS A 63 -7.99 -6.37 -7.96
N ARG A 64 -8.71 -7.08 -8.85
CA ARG A 64 -8.46 -8.48 -9.15
C ARG A 64 -7.11 -8.60 -9.84
N LEU A 65 -6.87 -7.71 -10.78
CA LEU A 65 -5.63 -7.67 -11.57
C LEU A 65 -4.44 -7.24 -10.72
N ALA A 66 -4.69 -6.29 -9.84
CA ALA A 66 -3.68 -5.82 -8.89
C ALA A 66 -3.17 -6.94 -7.95
N ARG A 67 -4.08 -7.79 -7.49
CA ARG A 67 -3.78 -8.99 -6.74
C ARG A 67 -2.91 -9.94 -7.52
N GLU A 68 -3.28 -10.23 -8.77
CA GLU A 68 -2.45 -11.03 -9.64
C GLU A 68 -1.03 -10.50 -9.75
N VAL A 69 -0.91 -9.18 -9.89
CA VAL A 69 0.43 -8.58 -9.95
C VAL A 69 1.15 -8.67 -8.58
N LEU A 70 0.46 -8.59 -7.45
CA LEU A 70 1.18 -8.71 -6.18
C LEU A 70 1.67 -10.16 -5.99
N ASP A 71 0.90 -11.11 -6.54
CA ASP A 71 1.21 -12.53 -6.39
C ASP A 71 2.45 -12.82 -7.16
N VAL A 72 2.61 -12.15 -8.31
CA VAL A 72 3.81 -12.22 -9.13
C VAL A 72 5.04 -11.76 -8.30
N ALA A 73 4.93 -10.60 -7.67
CA ALA A 73 6.00 -10.09 -6.79
C ALA A 73 6.40 -11.08 -5.69
N ALA A 74 5.41 -11.58 -4.96
CA ALA A 74 5.56 -12.56 -3.88
C ALA A 74 6.40 -13.76 -4.27
N GLY A 75 6.20 -14.26 -5.50
CA GLY A 75 6.90 -15.42 -6.02
C GLY A 75 8.38 -15.21 -6.21
N MET A 76 8.78 -13.94 -6.20
CA MET A 76 10.17 -13.61 -6.45
C MET A 76 10.91 -13.17 -5.21
N ILE A 77 10.25 -13.21 -4.06
CA ILE A 77 10.92 -12.79 -2.86
C ILE A 77 11.86 -13.92 -2.48
N LYS A 78 13.14 -13.69 -2.71
CA LYS A 78 14.18 -14.59 -2.18
C LYS A 78 15.49 -13.82 -1.97
N PRO A 79 16.41 -14.37 -1.15
CA PRO A 79 17.74 -13.77 -1.01
C PRO A 79 18.49 -13.56 -2.34
N GLY A 80 19.19 -12.44 -2.43
CA GLY A 80 19.96 -12.09 -3.63
C GLY A 80 19.12 -11.40 -4.70
N VAL A 81 17.80 -11.46 -4.59
CA VAL A 81 16.97 -10.71 -5.55
C VAL A 81 16.94 -9.23 -5.17
N THR A 82 17.08 -8.36 -6.16
CA THR A 82 17.03 -6.91 -5.89
C THR A 82 15.61 -6.35 -6.02
N THR A 83 15.31 -5.30 -5.26
CA THR A 83 13.98 -4.66 -5.35
C THR A 83 13.68 -4.11 -6.71
N GLU A 84 14.73 -3.65 -7.41
CA GLU A 84 14.62 -3.26 -8.81
C GLU A 84 14.15 -4.35 -9.79
N GLU A 85 14.56 -5.60 -9.55
CA GLU A 85 14.15 -6.76 -10.34
C GLU A 85 12.71 -7.10 -10.06
N ILE A 86 12.31 -7.00 -8.79
CA ILE A 86 10.89 -7.08 -8.43
C ILE A 86 10.09 -6.05 -9.22
N ASP A 87 10.58 -4.82 -9.26
CA ASP A 87 9.83 -3.72 -9.85
C ASP A 87 9.69 -3.96 -11.37
N HIS A 88 10.69 -4.57 -11.98
CA HIS A 88 10.71 -4.78 -13.43
C HIS A 88 9.64 -5.80 -13.79
N ALA A 89 9.60 -6.88 -13.00
CA ALA A 89 8.62 -7.96 -13.15
C ALA A 89 7.23 -7.44 -12.88
N VAL A 90 7.09 -6.60 -11.87
CA VAL A 90 5.81 -5.94 -11.57
C VAL A 90 5.29 -5.12 -12.77
N HIS A 91 6.18 -4.26 -13.28
CA HIS A 91 5.93 -3.36 -14.39
C HIS A 91 5.39 -4.12 -15.64
N LEU A 92 6.07 -5.20 -16.01
CA LEU A 92 5.69 -6.09 -17.13
C LEU A 92 4.40 -6.85 -16.83
N ALA A 93 4.21 -7.26 -15.58
CA ALA A 93 2.96 -7.90 -15.20
C ALA A 93 1.76 -6.94 -15.30
N CYS A 94 1.96 -5.64 -15.01
CA CYS A 94 0.88 -4.66 -15.18
C CYS A 94 0.58 -4.51 -16.69
N ILE A 95 1.60 -4.37 -17.52
CA ILE A 95 1.42 -4.17 -19.00
C ILE A 95 0.70 -5.36 -19.67
N ALA A 96 1.10 -6.59 -19.33
CA ALA A 96 0.50 -7.83 -19.83
C ALA A 96 -1.00 -7.87 -19.52
N ARG A 97 -1.40 -7.17 -18.46
CA ARG A 97 -2.80 -7.09 -18.05
C ARG A 97 -3.46 -5.85 -18.54
N ASN A 98 -2.74 -5.14 -19.41
CA ASN A 98 -3.27 -3.90 -20.04
C ASN A 98 -3.58 -2.87 -19.01
N CYS A 99 -2.70 -2.78 -18.02
CA CYS A 99 -2.81 -1.82 -16.93
C CYS A 99 -1.57 -0.91 -16.84
N TYR A 100 -1.80 0.31 -16.37
CA TYR A 100 -0.73 1.22 -16.10
C TYR A 100 -0.30 1.06 -14.61
N PRO A 101 1.01 0.94 -14.33
CA PRO A 101 1.34 0.89 -12.89
C PRO A 101 1.17 2.28 -12.22
N SER A 102 0.16 2.40 -11.39
CA SER A 102 -0.21 3.73 -10.84
C SER A 102 0.91 4.52 -10.14
N PRO A 103 1.83 3.84 -9.42
CA PRO A 103 2.92 4.62 -8.77
C PRO A 103 3.81 5.37 -9.76
N LEU A 104 3.94 4.89 -11.01
CA LEU A 104 4.91 5.40 -11.99
C LEU A 104 4.63 6.86 -12.39
N ASN A 105 5.60 7.73 -12.11
CA ASN A 105 5.48 9.20 -12.27
C ASN A 105 4.38 9.88 -11.44
N TYR A 106 3.86 9.16 -10.44
CA TYR A 106 2.97 9.77 -9.50
C TYR A 106 3.76 10.71 -8.61
N TYR A 107 3.49 12.00 -8.83
CA TYR A 107 4.28 13.11 -8.25
C TYR A 107 5.76 12.88 -8.49
N ASN A 108 6.05 12.44 -9.71
CA ASN A 108 7.40 12.07 -10.17
C ASN A 108 8.06 10.86 -9.49
N PHE A 109 7.30 10.01 -8.77
CA PHE A 109 7.83 8.75 -8.26
C PHE A 109 8.50 7.98 -9.43
N PRO A 110 9.75 7.50 -9.24
CA PRO A 110 10.51 6.96 -10.39
C PRO A 110 10.19 5.52 -10.85
N LYS A 111 9.36 4.78 -10.11
CA LYS A 111 9.30 3.33 -10.26
C LYS A 111 7.86 2.87 -10.27
N SER A 112 7.65 1.56 -10.40
CA SER A 112 6.29 1.07 -10.71
C SER A 112 5.61 0.43 -9.54
N CYS A 113 6.31 0.37 -8.42
CA CYS A 113 5.69 -0.08 -7.18
C CYS A 113 6.60 0.44 -6.05
N CYS A 114 6.14 0.28 -4.80
CA CYS A 114 6.94 0.66 -3.60
C CYS A 114 7.46 -0.59 -2.91
N THR A 115 8.76 -0.65 -2.67
CA THR A 115 9.39 -1.77 -1.90
C THR A 115 10.07 -1.25 -0.59
N SER A 116 9.50 -1.64 0.55
CA SER A 116 9.89 -1.14 1.87
C SER A 116 10.49 -2.27 2.77
N VAL A 117 11.80 -2.24 2.92
CA VAL A 117 12.55 -3.30 3.65
C VAL A 117 12.82 -2.88 5.11
N ASN A 118 12.57 -3.76 6.09
CA ASN A 118 12.99 -3.51 7.52
C ASN A 118 12.48 -2.18 8.06
N GLU A 119 13.36 -1.20 8.25
CA GLU A 119 12.97 0.10 8.88
C GLU A 119 12.23 1.08 7.97
N VAL A 120 12.10 0.76 6.69
CA VAL A 120 11.31 1.59 5.76
C VAL A 120 9.84 1.34 6.02
N ILE A 121 9.14 2.41 6.29
CA ILE A 121 7.77 2.34 6.68
C ILE A 121 6.88 2.17 5.46
N CYS A 122 7.14 2.98 4.44
CA CYS A 122 6.44 2.86 3.16
C CYS A 122 7.19 3.68 2.12
N HIS A 123 6.72 3.62 0.87
CA HIS A 123 7.25 4.40 -0.24
C HIS A 123 8.74 4.21 -0.57
N GLY A 124 9.26 3.03 -0.27
CA GLY A 124 10.63 2.70 -0.62
C GLY A 124 10.75 2.63 -2.14
N ILE A 125 11.86 3.13 -2.63
CA ILE A 125 12.12 3.16 -4.06
C ILE A 125 12.91 1.89 -4.46
N PRO A 126 12.33 1.05 -5.35
CA PRO A 126 13.07 -0.07 -5.94
C PRO A 126 14.46 0.36 -6.43
N ASP A 127 15.47 -0.42 -6.04
CA ASP A 127 16.89 -0.12 -6.33
C ASP A 127 17.78 -1.37 -6.42
N ARG A 128 19.11 -1.18 -6.41
CA ARG A 128 20.08 -2.27 -6.66
C ARG A 128 20.40 -3.13 -5.46
N ARG A 129 19.76 -2.88 -4.33
CA ARG A 129 20.05 -3.72 -3.17
C ARG A 129 19.45 -5.15 -3.23
N PRO A 130 20.32 -6.21 -3.18
CA PRO A 130 19.86 -7.58 -3.08
C PRO A 130 19.19 -7.77 -1.74
N LEU A 131 18.01 -8.39 -1.72
CA LEU A 131 17.42 -8.82 -0.47
C LEU A 131 18.32 -9.78 0.29
N GLN A 132 18.36 -9.56 1.61
CA GLN A 132 19.14 -10.36 2.54
C GLN A 132 18.25 -11.29 3.36
N GLU A 133 18.72 -12.53 3.58
CA GLU A 133 18.03 -13.46 4.48
C GLU A 133 17.87 -12.82 5.88
N GLY A 134 16.67 -12.98 6.47
CA GLY A 134 16.30 -12.27 7.69
C GLY A 134 15.47 -10.98 7.48
N ASP A 135 15.49 -10.44 6.26
CA ASP A 135 14.77 -9.20 5.92
C ASP A 135 13.27 -9.46 5.91
N ILE A 136 12.51 -8.43 6.17
CA ILE A 136 11.09 -8.42 5.86
C ILE A 136 10.97 -7.33 4.82
N VAL A 137 10.02 -7.49 3.90
CA VAL A 137 9.86 -6.57 2.76
C VAL A 137 8.39 -6.44 2.33
N ASN A 138 7.92 -5.21 2.29
CA ASN A 138 6.60 -4.93 1.81
C ASN A 138 6.66 -4.51 0.34
N VAL A 139 5.77 -5.06 -0.46
CA VAL A 139 5.58 -4.63 -1.85
C VAL A 139 4.18 -4.04 -1.92
N ASP A 140 4.09 -2.82 -2.37
CA ASP A 140 2.80 -2.14 -2.41
C ASP A 140 2.55 -1.90 -3.88
N ILE A 141 1.44 -2.43 -4.34
CA ILE A 141 1.08 -2.45 -5.79
C ILE A 141 -0.18 -1.57 -5.98
N THR A 142 -0.21 -0.74 -7.00
CA THR A 142 -1.47 -0.12 -7.53
C THR A 142 -1.48 -0.16 -9.07
N LEU A 143 -2.62 -0.57 -9.63
CA LEU A 143 -2.83 -0.68 -11.09
C LEU A 143 -3.91 0.30 -11.53
N TYR A 144 -3.85 0.68 -12.79
CA TYR A 144 -4.79 1.64 -13.37
C TYR A 144 -5.35 1.01 -14.65
N ARG A 145 -6.67 0.92 -14.75
CA ARG A 145 -7.29 0.18 -15.80
C ARG A 145 -8.64 0.83 -16.08
N ASN A 146 -8.85 1.22 -17.34
CA ASN A 146 -10.12 1.76 -17.79
C ASN A 146 -10.70 2.81 -16.81
N GLY A 147 -9.82 3.60 -16.19
CA GLY A 147 -10.25 4.75 -15.40
C GLY A 147 -10.12 4.57 -13.89
N TYR A 148 -9.84 3.35 -13.47
CA TYR A 148 -9.90 2.99 -12.05
C TYR A 148 -8.59 2.44 -11.53
N HIS A 149 -8.28 2.81 -10.29
CA HIS A 149 -7.11 2.30 -9.55
C HIS A 149 -7.46 1.16 -8.55
N GLY A 150 -6.57 0.17 -8.40
CA GLY A 150 -6.75 -0.90 -7.43
C GLY A 150 -5.46 -1.11 -6.68
N ASP A 151 -5.54 -1.22 -5.36
CA ASP A 151 -4.41 -0.97 -4.48
C ASP A 151 -4.34 -2.04 -3.33
N LEU A 152 -3.17 -2.64 -3.17
CA LEU A 152 -2.92 -3.61 -2.10
C LEU A 152 -1.43 -3.79 -1.78
N ASN A 153 -1.17 -4.27 -0.58
CA ASN A 153 0.21 -4.48 -0.18
C ASN A 153 0.30 -5.66 0.77
N GLU A 154 1.44 -6.35 0.72
CA GLU A 154 1.74 -7.40 1.72
C GLU A 154 3.22 -7.31 2.16
N THR A 155 3.53 -7.70 3.39
CA THR A 155 4.90 -7.80 3.85
C THR A 155 5.33 -9.25 3.72
N PHE A 156 6.55 -9.48 3.25
CA PHE A 156 7.07 -10.86 3.08
C PHE A 156 8.29 -11.15 3.93
N PHE A 157 8.53 -12.44 4.16
CA PHE A 157 9.78 -12.92 4.80
C PHE A 157 10.74 -13.22 3.68
N VAL A 158 12.00 -12.84 3.90
CA VAL A 158 13.10 -13.14 2.99
C VAL A 158 13.90 -14.29 3.65
N GLY A 159 13.71 -15.48 3.09
CA GLY A 159 14.16 -16.70 3.72
C GLY A 159 13.54 -16.84 5.09
N GLU A 160 14.37 -17.27 6.03
CA GLU A 160 14.00 -17.42 7.43
C GLU A 160 14.22 -16.14 8.20
N VAL A 161 13.29 -15.81 9.09
CA VAL A 161 13.33 -14.56 9.86
C VAL A 161 13.36 -14.87 11.36
N ASP A 162 13.86 -13.93 12.15
CA ASP A 162 13.85 -14.05 13.63
C ASP A 162 12.45 -13.90 14.23
N ASP A 163 12.31 -14.26 15.50
CA ASP A 163 11.00 -14.30 16.18
C ASP A 163 10.26 -12.97 16.22
N GLY A 164 11.00 -11.88 16.35
CA GLY A 164 10.43 -10.54 16.38
C GLY A 164 9.80 -10.18 15.04
N ALA A 165 10.44 -10.61 13.96
CA ALA A 165 9.91 -10.39 12.62
C ALA A 165 8.56 -11.09 12.49
N ARG A 166 8.52 -12.36 12.91
CA ARG A 166 7.28 -13.18 12.79
C ARG A 166 6.11 -12.51 13.47
N LYS A 167 6.37 -12.03 14.69
CA LYS A 167 5.42 -11.38 15.54
C LYS A 167 4.88 -10.05 15.05
N LEU A 168 5.78 -9.22 14.52
CA LEU A 168 5.45 -7.93 14.00
C LEU A 168 4.61 -8.11 12.75
N VAL A 169 5.02 -8.99 11.85
CA VAL A 169 4.24 -9.24 10.62
C VAL A 169 2.84 -9.80 10.90
N GLN A 170 2.77 -10.83 11.76
CA GLN A 170 1.50 -11.41 12.19
C GLN A 170 0.55 -10.37 12.79
N THR A 171 1.05 -9.58 13.74
CA THR A 171 0.24 -8.59 14.44
C THR A 171 -0.25 -7.55 13.44
N THR A 172 0.65 -7.10 12.56
CA THR A 172 0.27 -6.13 11.56
C THR A 172 -0.92 -6.66 10.74
N TYR A 173 -0.82 -7.91 10.25
CA TYR A 173 -1.89 -8.54 9.48
C TYR A 173 -3.23 -8.61 10.26
N GLU A 174 -3.14 -9.07 11.51
CA GLU A 174 -4.24 -9.12 12.46
C GLU A 174 -4.88 -7.76 12.61
N CYS A 175 -4.07 -6.71 12.74
CA CYS A 175 -4.59 -5.33 12.81
C CYS A 175 -5.45 -4.99 11.62
N LEU A 176 -4.94 -5.29 10.42
CA LEU A 176 -5.70 -5.02 9.20
C LEU A 176 -7.05 -5.74 9.23
N MET A 177 -7.01 -7.03 9.55
CA MET A 177 -8.17 -7.89 9.43
C MET A 177 -9.25 -7.60 10.46
N GLN A 178 -8.82 -7.16 11.66
CA GLN A 178 -9.74 -6.73 12.69
C GLN A 178 -10.44 -5.45 12.27
N ALA A 179 -9.71 -4.54 11.64
CA ALA A 179 -10.32 -3.33 11.13
C ALA A 179 -11.28 -3.63 9.96
N ILE A 180 -10.92 -4.59 9.10
CA ILE A 180 -11.81 -4.94 7.98
C ILE A 180 -13.11 -5.54 8.51
N ASP A 181 -12.97 -6.42 9.50
CA ASP A 181 -14.08 -7.00 10.21
C ASP A 181 -15.11 -6.03 10.72
N ALA A 182 -14.70 -4.79 11.02
CA ALA A 182 -15.64 -3.78 11.56
C ALA A 182 -16.27 -2.91 10.50
N VAL A 183 -15.86 -3.08 9.24
CA VAL A 183 -16.39 -2.29 8.18
C VAL A 183 -17.82 -2.71 7.85
N LYS A 184 -18.74 -1.73 7.84
CA LYS A 184 -20.14 -1.90 7.47
C LYS A 184 -20.81 -0.51 7.52
N PRO A 185 -21.94 -0.36 6.81
CA PRO A 185 -22.59 0.97 6.82
C PRO A 185 -22.89 1.47 8.23
N GLY A 186 -22.66 2.76 8.43
CA GLY A 186 -22.97 3.42 9.70
C GLY A 186 -21.82 3.51 10.67
N VAL A 187 -20.75 2.76 10.39
CA VAL A 187 -19.52 2.83 11.19
C VAL A 187 -18.70 4.09 10.84
N ARG A 188 -18.19 4.75 11.87
CA ARG A 188 -17.40 5.95 11.68
C ARG A 188 -15.97 5.60 11.24
N TYR A 189 -15.45 6.34 10.26
CA TYR A 189 -14.10 6.00 9.75
C TYR A 189 -13.05 6.13 10.85
N ARG A 190 -13.30 7.03 11.81
CA ARG A 190 -12.36 7.26 12.91
C ARG A 190 -12.22 6.12 13.89
N GLU A 191 -13.16 5.18 13.86
CA GLU A 191 -13.13 4.00 14.74
C GLU A 191 -12.08 2.95 14.39
N LEU A 192 -11.79 2.78 13.09
CA LEU A 192 -10.82 1.77 12.64
C LEU A 192 -9.48 1.91 13.36
N GLY A 193 -9.02 3.14 13.56
CA GLY A 193 -7.75 3.42 14.26
C GLY A 193 -7.72 3.05 15.72
N ASN A 194 -8.86 3.21 16.39
CA ASN A 194 -9.02 2.63 17.74
C ASN A 194 -8.77 1.11 17.77
N ILE A 195 -9.30 0.39 16.78
CA ILE A 195 -9.15 -1.08 16.73
C ILE A 195 -7.71 -1.48 16.45
N ILE A 196 -7.14 -0.87 15.42
CA ILE A 196 -5.74 -1.10 15.02
C ILE A 196 -4.81 -0.82 16.17
N GLN A 197 -4.92 0.37 16.77
CA GLN A 197 -3.97 0.72 17.83
C GLN A 197 -4.08 -0.21 19.04
N LYS A 198 -5.31 -0.52 19.45
CA LYS A 198 -5.56 -1.40 20.60
C LYS A 198 -4.86 -2.75 20.43
N HIS A 199 -4.98 -3.33 19.24
CA HIS A 199 -4.29 -4.56 18.93
C HIS A 199 -2.76 -4.41 18.88
N ALA A 200 -2.26 -3.40 18.15
CA ALA A 200 -0.81 -3.18 18.11
C ALA A 200 -0.25 -2.93 19.52
N GLN A 201 -0.89 -2.00 20.24
CA GLN A 201 -0.44 -1.64 21.57
C GLN A 201 -0.37 -2.87 22.49
N ALA A 202 -1.39 -3.74 22.43
CA ALA A 202 -1.41 -4.98 23.21
C ALA A 202 -0.20 -5.89 22.96
N ASN A 203 0.42 -5.77 21.80
CA ASN A 203 1.52 -6.66 21.44
C ASN A 203 2.89 -6.01 21.52
N GLY A 204 2.94 -4.81 22.08
CA GLY A 204 4.20 -4.11 22.35
C GLY A 204 4.70 -3.26 21.19
N PHE A 205 3.77 -2.88 20.28
CA PHE A 205 4.06 -2.17 19.03
C PHE A 205 3.33 -0.86 18.90
N SER A 206 3.86 -0.01 18.02
CA SER A 206 3.35 1.34 17.83
C SER A 206 2.81 1.52 16.42
N VAL A 207 2.00 2.54 16.24
CA VAL A 207 1.26 2.76 14.98
C VAL A 207 1.75 4.05 14.34
N VAL A 208 2.16 3.96 13.07
CA VAL A 208 2.62 5.15 12.32
C VAL A 208 1.47 6.13 12.14
N ARG A 209 1.76 7.44 12.24
CA ARG A 209 0.71 8.45 12.33
C ARG A 209 0.64 9.34 11.12
N SER A 210 1.69 9.34 10.31
CA SER A 210 1.81 10.32 9.25
C SER A 210 1.31 9.86 7.89
N TYR A 211 0.91 8.59 7.79
CA TYR A 211 0.28 8.04 6.57
C TYR A 211 -1.02 7.34 6.95
N CYS A 212 -1.97 7.37 6.02
CA CYS A 212 -3.36 7.00 6.27
C CYS A 212 -3.89 6.15 5.14
N GLY A 213 -4.95 5.37 5.41
CA GLY A 213 -5.76 4.80 4.34
C GLY A 213 -6.49 5.90 3.59
N HIS A 214 -7.01 5.57 2.42
CA HIS A 214 -7.53 6.56 1.51
C HIS A 214 -8.62 5.93 0.67
N GLY A 215 -9.60 6.76 0.30
CA GLY A 215 -10.46 6.44 -0.81
C GLY A 215 -9.71 6.33 -2.12
N ILE A 216 -10.30 5.58 -3.03
CA ILE A 216 -9.63 5.30 -4.26
C ILE A 216 -10.68 4.82 -5.26
N HIS A 217 -10.57 5.23 -6.51
CA HIS A 217 -11.44 4.75 -7.58
C HIS A 217 -10.88 5.33 -8.86
N LYS A 218 -11.52 6.41 -9.37
CA LYS A 218 -11.00 7.20 -10.50
C LYS A 218 -9.80 8.05 -10.08
N LEU A 219 -9.73 8.32 -8.79
CA LEU A 219 -8.57 8.91 -8.16
C LEU A 219 -7.74 7.83 -7.44
N PHE A 220 -6.42 8.02 -7.41
CA PHE A 220 -5.47 7.15 -6.71
C PHE A 220 -5.64 7.34 -5.23
N HIS A 221 -5.59 8.60 -4.77
CA HIS A 221 -5.84 8.92 -3.37
C HIS A 221 -6.88 10.05 -3.29
N THR A 222 -7.92 9.80 -2.53
CA THR A 222 -8.94 10.80 -2.27
C THR A 222 -9.62 10.56 -0.95
N ALA A 223 -10.69 11.31 -0.69
CA ALA A 223 -11.58 11.09 0.46
C ALA A 223 -12.21 9.70 0.41
N PRO A 224 -12.32 9.03 1.55
CA PRO A 224 -11.97 9.45 2.91
C PRO A 224 -10.50 9.31 3.31
N ASN A 225 -10.08 10.14 4.25
CA ASN A 225 -8.83 9.92 4.98
C ASN A 225 -9.09 8.91 6.10
N VAL A 226 -8.16 7.96 6.31
CA VAL A 226 -8.39 6.90 7.30
C VAL A 226 -7.13 6.65 8.17
N PRO A 227 -6.96 7.44 9.27
CA PRO A 227 -5.88 7.21 10.24
C PRO A 227 -5.95 5.81 10.83
N HIS A 228 -4.78 5.27 11.15
CA HIS A 228 -4.70 3.91 11.75
C HIS A 228 -4.45 3.97 13.27
N TYR A 229 -4.42 5.18 13.83
CA TYR A 229 -4.20 5.36 15.26
C TYR A 229 -5.46 5.86 16.00
N ALA A 230 -5.42 5.67 17.33
CA ALA A 230 -6.58 5.85 18.19
C ALA A 230 -6.92 7.34 18.36
N LYS A 231 -8.18 7.61 18.70
CA LYS A 231 -8.63 8.98 19.03
C LYS A 231 -8.37 10.02 17.94
N ASN A 232 -8.10 9.53 16.73
CA ASN A 232 -7.99 10.38 15.57
C ASN A 232 -9.33 11.06 15.30
N LYS A 233 -9.32 12.13 14.51
CA LYS A 233 -10.56 12.88 14.23
C LYS A 233 -11.00 12.78 12.77
N ALA A 234 -10.88 11.59 12.18
CA ALA A 234 -11.36 11.33 10.83
C ALA A 234 -12.84 11.73 10.60
N VAL A 235 -13.07 12.30 9.43
CA VAL A 235 -14.37 12.79 9.02
C VAL A 235 -15.03 11.80 8.08
N GLY A 236 -16.15 11.25 8.52
CA GLY A 236 -16.97 10.40 7.68
C GLY A 236 -17.56 9.18 8.35
N VAL A 237 -18.61 8.68 7.71
CA VAL A 237 -19.36 7.54 8.20
C VAL A 237 -19.46 6.56 7.03
N MET A 238 -19.25 5.26 7.29
CA MET A 238 -19.24 4.29 6.19
C MET A 238 -20.59 4.09 5.56
N LYS A 239 -20.60 3.89 4.24
CA LYS A 239 -21.83 3.76 3.50
C LYS A 239 -21.70 2.77 2.37
N SER A 240 -22.70 1.91 2.22
CA SER A 240 -22.80 1.05 1.05
C SER A 240 -22.49 1.83 -0.24
N GLY A 241 -21.46 1.41 -0.99
CA GLY A 241 -20.97 2.16 -2.18
C GLY A 241 -19.68 2.99 -2.03
N HIS A 242 -19.20 3.10 -0.79
CA HIS A 242 -17.90 3.69 -0.52
C HIS A 242 -16.80 2.65 -0.86
N VAL A 243 -15.70 3.15 -1.48
CA VAL A 243 -14.49 2.33 -1.73
C VAL A 243 -13.27 3.03 -1.13
N PHE A 244 -12.59 2.35 -0.23
CA PHE A 244 -11.41 2.92 0.43
C PHE A 244 -10.40 1.83 0.82
N THR A 245 -9.25 2.23 1.34
CA THR A 245 -8.21 1.31 1.81
C THR A 245 -8.01 1.44 3.32
N ILE A 246 -7.64 0.30 3.92
CA ILE A 246 -7.05 0.28 5.24
C ILE A 246 -5.63 -0.22 5.01
N GLU A 247 -4.63 0.49 5.52
CA GLU A 247 -3.21 0.09 5.26
C GLU A 247 -2.25 0.30 6.45
N PRO A 248 -2.55 -0.36 7.58
CA PRO A 248 -1.82 0.02 8.82
C PRO A 248 -0.29 -0.29 8.74
N MET A 249 0.51 0.69 9.17
CA MET A 249 1.95 0.58 9.26
C MET A 249 2.28 0.51 10.76
N ILE A 250 2.88 -0.60 11.15
CA ILE A 250 3.09 -0.90 12.56
C ILE A 250 4.57 -1.04 12.82
N CYS A 251 5.03 -0.51 13.96
CA CYS A 251 6.49 -0.45 14.27
C CYS A 251 6.90 -1.20 15.53
N GLU A 252 8.07 -1.86 15.48
CA GLU A 252 8.71 -2.48 16.64
C GLU A 252 9.05 -1.50 17.79
N GLY A 253 9.64 -0.37 17.45
CA GLY A 253 9.95 0.66 18.43
C GLY A 253 8.85 1.70 18.47
N GLY A 254 9.23 2.96 18.27
CA GLY A 254 8.34 4.12 18.38
C GLY A 254 7.64 4.47 17.08
N TRP A 255 6.63 5.31 17.16
CA TRP A 255 5.74 5.58 16.03
C TRP A 255 6.34 6.55 15.01
N GLN A 256 7.42 7.24 15.38
CA GLN A 256 7.87 8.40 14.60
C GLN A 256 8.62 8.08 13.28
N ASP A 257 8.31 8.85 12.25
CA ASP A 257 8.86 8.66 10.92
C ASP A 257 9.66 9.90 10.51
N GLU A 258 10.51 9.72 9.51
CA GLU A 258 11.13 10.85 8.81
C GLU A 258 11.39 10.33 7.41
N THR A 259 11.77 11.22 6.50
CA THR A 259 11.96 10.87 5.12
C THR A 259 13.42 11.07 4.72
N TRP A 260 13.94 10.09 3.98
CA TRP A 260 15.20 10.15 3.28
C TRP A 260 15.27 11.34 2.34
N PRO A 261 16.49 11.86 2.06
CA PRO A 261 16.66 12.97 1.11
C PRO A 261 16.18 12.67 -0.32
N ASP A 262 15.73 11.44 -0.61
CA ASP A 262 15.07 11.15 -1.90
C ASP A 262 13.64 11.68 -2.03
N GLY A 263 13.08 12.21 -0.93
CA GLY A 263 11.78 12.81 -0.97
C GLY A 263 10.65 11.82 -0.77
N TRP A 264 10.97 10.51 -0.74
CA TRP A 264 9.94 9.44 -0.76
C TRP A 264 10.03 8.44 0.40
N THR A 265 11.24 7.92 0.62
CA THR A 265 11.44 6.84 1.56
C THR A 265 11.25 7.28 3.02
N ALA A 266 10.25 6.67 3.66
CA ALA A 266 9.81 7.00 5.00
C ALA A 266 10.36 5.91 5.90
N VAL A 267 11.07 6.30 6.97
CA VAL A 267 11.77 5.33 7.82
C VAL A 267 11.47 5.63 9.30
N THR A 268 11.59 4.61 10.15
CA THR A 268 11.43 4.84 11.58
C THR A 268 12.58 5.73 11.99
N ARG A 269 12.29 6.68 12.87
CA ARG A 269 13.35 7.51 13.44
C ARG A 269 14.37 6.72 14.29
N ASP A 270 13.93 5.66 14.96
CA ASP A 270 14.83 4.77 15.74
C ASP A 270 15.52 3.62 14.98
N GLY A 271 15.18 3.45 13.68
CA GLY A 271 15.78 2.43 12.83
C GLY A 271 15.35 1.01 13.11
N LYS A 272 14.23 0.86 13.81
CA LYS A 272 13.62 -0.46 14.05
C LYS A 272 12.64 -0.80 12.93
N ARG A 273 12.19 -2.03 12.91
CA ARG A 273 11.45 -2.56 11.74
C ARG A 273 9.99 -2.14 11.75
N SER A 274 9.40 -2.09 10.54
CA SER A 274 7.99 -1.71 10.38
C SER A 274 7.37 -2.71 9.40
N ALA A 275 6.10 -3.05 9.59
CA ALA A 275 5.44 -3.90 8.62
C ALA A 275 4.07 -3.27 8.29
N GLN A 276 3.49 -3.67 7.13
CA GLN A 276 2.27 -3.08 6.59
C GLN A 276 1.49 -4.09 5.74
N PHE A 277 0.16 -3.93 5.74
CA PHE A 277 -0.77 -4.70 4.87
C PHE A 277 -1.90 -3.78 4.40
N GLU A 278 -2.48 -4.06 3.23
CA GLU A 278 -3.43 -3.20 2.59
C GLU A 278 -4.35 -4.05 1.75
N HIS A 279 -5.64 -3.67 1.83
CA HIS A 279 -6.69 -4.12 0.97
C HIS A 279 -7.46 -2.85 0.62
N THR A 280 -8.07 -2.89 -0.58
CA THR A 280 -9.05 -1.92 -1.05
C THR A 280 -10.41 -2.58 -0.79
N LEU A 281 -11.28 -1.87 -0.07
CA LEU A 281 -12.60 -2.46 0.35
C LEU A 281 -13.75 -1.71 -0.29
N LEU A 282 -14.84 -2.43 -0.55
CA LEU A 282 -16.11 -1.83 -0.95
C LEU A 282 -17.13 -2.08 0.11
N VAL A 283 -17.67 -1.01 0.70
CA VAL A 283 -18.80 -1.12 1.65
C VAL A 283 -20.09 -1.62 0.97
N THR A 284 -20.63 -2.71 1.52
CA THR A 284 -21.86 -3.36 1.11
C THR A 284 -22.89 -3.40 2.28
N ASP A 285 -24.09 -3.92 2.04
CA ASP A 285 -25.10 -3.94 3.11
C ASP A 285 -24.77 -4.89 4.29
N THR A 286 -24.24 -6.06 3.99
CA THR A 286 -23.79 -6.98 5.05
C THR A 286 -22.49 -6.53 5.77
N GLY A 287 -21.64 -5.78 5.07
CA GLY A 287 -20.36 -5.39 5.63
C GLY A 287 -19.50 -4.73 4.56
N CYS A 288 -18.47 -5.46 4.12
CA CYS A 288 -17.64 -5.00 3.00
C CYS A 288 -17.22 -6.14 2.08
N GLU A 289 -16.92 -5.78 0.86
CA GLU A 289 -16.35 -6.69 -0.07
C GLU A 289 -14.84 -6.35 -0.15
N ILE A 290 -14.02 -7.38 0.00
CA ILE A 290 -12.58 -7.19 -0.06
C ILE A 290 -12.13 -7.42 -1.50
N LEU A 291 -12.09 -6.32 -2.26
CA LEU A 291 -11.84 -6.31 -3.70
C LEU A 291 -10.49 -6.88 -4.08
N THR A 292 -9.53 -6.82 -3.14
CA THR A 292 -8.14 -7.25 -3.38
C THR A 292 -7.73 -8.60 -2.73
N ARG A 293 -8.71 -9.33 -2.19
CA ARG A 293 -8.49 -10.63 -1.59
C ARG A 293 -7.87 -11.60 -2.58
N ARG A 294 -7.10 -12.56 -2.06
CA ARG A 294 -6.69 -13.73 -2.84
C ARG A 294 -7.89 -14.60 -3.06
N LEU A 295 -8.10 -15.07 -4.30
CA LEU A 295 -9.29 -15.87 -4.66
C LEU A 295 -9.06 -17.39 -4.58
N ASP A 296 -7.82 -17.82 -4.60
CA ASP A 296 -7.48 -19.23 -4.70
C ASP A 296 -6.66 -19.63 -3.51
N SER A 297 -6.65 -18.81 -2.46
CA SER A 297 -5.90 -19.15 -1.25
C SER A 297 -6.37 -18.39 -0.03
N ALA A 298 -6.37 -19.11 1.08
CA ALA A 298 -6.97 -18.66 2.32
C ALA A 298 -6.20 -17.56 3.05
N ARG A 299 -4.88 -17.52 2.89
CA ARG A 299 -4.01 -16.71 3.74
C ARG A 299 -3.09 -15.79 2.92
N PRO A 300 -2.48 -14.78 3.55
CA PRO A 300 -1.41 -14.01 2.89
C PRO A 300 -0.14 -14.88 2.71
N HIS A 301 0.75 -14.45 1.84
CA HIS A 301 1.93 -15.20 1.50
C HIS A 301 2.82 -15.51 2.69
N PHE A 302 2.94 -14.59 3.66
CA PHE A 302 3.86 -14.85 4.80
C PHE A 302 3.53 -16.10 5.59
N MET A 303 2.27 -16.55 5.52
CA MET A 303 1.85 -17.72 6.25
C MET A 303 2.18 -19.01 5.52
N SER A 304 2.18 -18.95 4.18
CA SER A 304 2.17 -20.16 3.34
C SER A 304 3.49 -20.36 2.64
CO CO B . -3.15 2.64 -0.54
CO CO C . -0.92 0.95 -1.59
CO CO D . 1.37 5.27 -0.63
K K E . 9.32 -2.42 6.20
C3 1AY F . 1.48 7.72 -2.30
C5 1AY F . 1.90 8.61 -3.27
C6 1AY F . 2.84 8.19 -4.19
C4 1AY F . 0.55 8.12 -1.35
N2 1AY F . 1.99 6.45 -2.26
CL8 1AY F . 4.53 6.34 -5.30
C7 1AY F . 3.36 6.90 -4.10
C1 1AY F . 2.92 6.02 -3.14
N25 1AY F . 0.18 7.22 -0.42
C23 1AY F . -0.73 7.50 0.53
C24 1AY F . -1.13 6.46 1.56
N9 1AY F . -0.01 9.36 -1.39
C10 1AY F . -0.94 9.71 -0.45
C21 1AY F . -1.31 8.76 0.51
CL2 1AY F . -2.55 9.11 1.75
N11 1AY F . -1.50 10.96 -0.46
C12 1AY F . -1.15 12.00 -1.43
C13 1AY F . -2.16 13.16 -1.23
C14 1AY F . -1.85 14.09 -0.09
C26 1AY F . -2.21 13.77 1.23
C27 1AY F . -1.92 14.66 2.29
C28 1AY F . -1.27 15.88 2.03
C29 1AY F . -0.92 16.22 0.71
C30 1AY F . -1.21 15.32 -0.33
N15 1AY F . -2.81 13.68 -2.32
C16 1AY F . -4.21 13.44 -2.64
C17 1AY F . -4.86 14.52 -3.51
C18 1AY F . -4.79 15.93 -2.91
C19 1AY F . -4.37 16.97 -3.94
C31 1AY F . -3.36 17.98 -3.42
C36 1AY F . -2.15 17.58 -2.82
C35 1AY F . -1.24 18.52 -2.34
C34 1AY F . -1.51 19.89 -2.48
C33 1AY F . -2.70 20.31 -3.08
C32 1AY F . -3.61 19.35 -3.56
S SO4 G . 22.18 -2.17 3.02
O1 SO4 G . 22.75 -3.21 2.16
O2 SO4 G . 21.38 -2.82 4.05
O3 SO4 G . 21.35 -1.22 2.29
O4 SO4 G . 23.27 -1.41 3.63
S SO4 H . 1.77 6.50 21.56
O1 SO4 H . 2.54 5.53 20.73
O2 SO4 H . 2.47 6.71 22.82
O3 SO4 H . 1.67 7.78 20.86
O4 SO4 H . 0.40 6.00 21.82
#